data_9IT3
#
_entry.id   9IT3
#
_cell.length_a   115.624
_cell.length_b   115.624
_cell.length_c   113.270
_cell.angle_alpha   90.00
_cell.angle_beta   90.00
_cell.angle_gamma   120.00
#
_symmetry.space_group_name_H-M   'P 65'
#
loop_
_entity.id
_entity.type
_entity.pdbx_description
1 polymer 'Bifunctional methylenetetrahydrofolate dehydrogenase/cyclohydrolase, mitochondrial'
2 non-polymer '(2~{S})-2-[[4-[[2,4-bis(azanyl)-6-oxidanylidene-1~{H}-pyrimidin-5-yl]carbamoylamino]-3-chloranyl-phenyl]carbonylamino]pentanedioic acid'
3 non-polymer NICOTINAMIDE-ADENINE-DINUCLEOTIDE
4 non-polymer 'PHOSPHATE ION'
5 water water
#
_entity_poly.entity_id   1
_entity_poly.type   'polypeptide(L)'
_entity_poly.pdbx_seq_one_letter_code
;GSHMEAVVISGRKLAQQIKQEVRQEVEEWVASGNKRPHLSVILVGENPASHSYVLNKTRAAAVVGINSETIMKPASISEE
ELLNLINKLNNDDNVDGLLVQLPLPEHIDERRICNAVSPDKDVDGFHVINVGRMCLDQYSMLPATPWGVWEIIKRTGIPT
LGKNVVVAGRSKNVGMPIAMLLHTDGAHERPGGDATVTISHRYTPKEQLKKHTILADIVISAAGIPNLITADMIKEGAAV
IDVGINRVHDPVTAKPKLVGDVDFEGVRQKAGYITPVPGGVGPMTVAMLMKNTIIAAKKVLRLEEREVLKSKELGVATN
;
_entity_poly.pdbx_strand_id   A,B
#
# COMPACT_ATOMS: atom_id res chain seq x y z
N GLU A 5 -14.06 -32.84 -5.94
CA GLU A 5 -13.97 -32.30 -4.58
C GLU A 5 -12.65 -31.55 -4.36
N ALA A 6 -12.68 -30.54 -3.48
CA ALA A 6 -11.54 -29.65 -3.29
C ALA A 6 -10.48 -30.26 -2.38
N VAL A 7 -9.22 -30.11 -2.80
CA VAL A 7 -8.10 -30.33 -1.90
C VAL A 7 -8.22 -29.40 -0.71
N VAL A 8 -8.31 -29.97 0.48
CA VAL A 8 -8.14 -29.18 1.70
C VAL A 8 -6.65 -29.06 1.97
N ILE A 9 -6.14 -27.82 2.00
CA ILE A 9 -4.73 -27.56 2.26
C ILE A 9 -4.55 -27.49 3.77
N SER A 10 -3.64 -28.29 4.32
CA SER A 10 -3.41 -28.30 5.75
C SER A 10 -2.38 -27.24 6.09
N GLY A 11 -2.83 -26.13 6.68
CA GLY A 11 -1.89 -25.13 7.13
C GLY A 11 -1.00 -25.64 8.24
N ARG A 12 -1.55 -26.49 9.10
CA ARG A 12 -0.75 -27.07 10.17
C ARG A 12 0.41 -27.91 9.61
N LYS A 13 0.12 -28.72 8.60
CA LYS A 13 1.18 -29.54 7.99
C LYS A 13 2.23 -28.67 7.30
N LEU A 14 1.79 -27.65 6.56
CA LEU A 14 2.73 -26.75 5.90
C LEU A 14 3.59 -26.00 6.93
N ALA A 15 2.94 -25.45 7.96
CA ALA A 15 3.66 -24.71 8.99
C ALA A 15 4.67 -25.60 9.74
N GLN A 16 4.29 -26.85 10.05
CA GLN A 16 5.21 -27.75 10.73
C GLN A 16 6.46 -28.01 9.88
N GLN A 17 6.28 -28.16 8.57
CA GLN A 17 7.41 -28.27 7.66
C GLN A 17 8.29 -27.03 7.70
N ILE A 18 7.67 -25.85 7.64
CA ILE A 18 8.44 -24.60 7.63
C ILE A 18 9.23 -24.47 8.92
N LYS A 19 8.63 -24.85 10.04
CA LYS A 19 9.33 -24.76 11.32
C LYS A 19 10.55 -25.69 11.34
N GLN A 20 10.42 -26.87 10.71
CA GLN A 20 11.60 -27.74 10.62
C GLN A 20 12.71 -27.06 9.81
N GLU A 21 12.35 -26.36 8.74
CA GLU A 21 13.33 -25.55 8.01
C GLU A 21 13.97 -24.48 8.89
N VAL A 22 13.17 -23.73 9.67
CA VAL A 22 13.75 -22.72 10.55
C VAL A 22 14.63 -23.36 11.62
N ARG A 23 14.18 -24.46 12.20
CA ARG A 23 14.99 -25.12 13.21
C ARG A 23 16.39 -25.46 12.69
N GLN A 24 16.46 -26.00 11.48
CA GLN A 24 17.76 -26.34 10.88
C GLN A 24 18.60 -25.09 10.65
N GLU A 25 17.97 -24.00 10.22
CA GLU A 25 18.70 -22.76 9.99
C GLU A 25 19.22 -22.18 11.30
N VAL A 26 18.38 -22.21 12.35
CA VAL A 26 18.78 -21.75 13.68
C VAL A 26 19.94 -22.61 14.23
N GLU A 27 19.83 -23.93 14.08
CA GLU A 27 20.90 -24.82 14.55
C GLU A 27 22.22 -24.53 13.85
N GLU A 28 22.19 -24.35 12.53
CA GLU A 28 23.41 -24.01 11.80
C GLU A 28 23.93 -22.63 12.21
N TRP A 29 23.03 -21.68 12.48
CA TRP A 29 23.42 -20.37 12.99
C TRP A 29 24.14 -20.49 14.33
N VAL A 30 23.60 -21.30 15.24
CA VAL A 30 24.20 -21.45 16.55
C VAL A 30 25.50 -22.27 16.47
N ALA A 31 25.47 -23.37 15.70
CA ALA A 31 26.69 -24.15 15.50
C ALA A 31 27.81 -23.31 14.89
N SER A 32 27.46 -22.33 14.05
CA SER A 32 28.45 -21.40 13.50
C SER A 32 29.03 -20.46 14.54
N GLY A 33 28.62 -20.56 15.80
CA GLY A 33 29.14 -19.68 16.83
C GLY A 33 28.40 -18.39 17.04
N ASN A 34 27.16 -18.27 16.57
CA ASN A 34 26.37 -17.08 16.84
C ASN A 34 25.43 -17.33 18.01
N LYS A 35 25.04 -16.25 18.68
CA LYS A 35 24.14 -16.36 19.81
C LYS A 35 22.80 -16.95 19.38
N ARG A 36 22.18 -17.72 20.27
CA ARG A 36 20.87 -18.27 19.96
C ARG A 36 19.85 -17.13 19.83
N PRO A 37 18.94 -17.18 18.84
CA PRO A 37 17.95 -16.09 18.68
C PRO A 37 16.98 -16.04 19.85
N HIS A 38 16.54 -14.83 20.19
CA HIS A 38 15.58 -14.64 21.27
C HIS A 38 14.46 -13.69 20.82
N LEU A 39 13.21 -14.12 21.04
CA LEU A 39 12.01 -13.38 20.70
C LEU A 39 11.30 -12.91 21.96
N SER A 40 11.01 -11.62 22.06
CA SER A 40 10.19 -11.10 23.16
C SER A 40 8.82 -10.71 22.62
N VAL A 41 7.77 -11.20 23.29
CA VAL A 41 6.38 -10.86 22.99
C VAL A 41 5.79 -10.10 24.18
N ILE A 42 5.20 -8.95 23.91
CA ILE A 42 4.52 -8.14 24.92
C ILE A 42 3.03 -8.39 24.75
N LEU A 43 2.38 -8.88 25.79
CA LEU A 43 0.94 -9.11 25.77
C LEU A 43 0.30 -8.15 26.77
N VAL A 44 -0.72 -7.42 26.34
CA VAL A 44 -1.38 -6.42 27.18
C VAL A 44 -2.82 -6.90 27.39
N GLY A 45 -3.24 -7.03 28.65
CA GLY A 45 -4.63 -7.38 28.90
C GLY A 45 -4.91 -8.87 28.79
N GLU A 46 -6.20 -9.21 28.66
CA GLU A 46 -6.61 -10.61 28.77
C GLU A 46 -7.53 -11.03 27.63
N ASN A 47 -7.32 -10.49 26.45
CA ASN A 47 -8.08 -10.96 25.31
C ASN A 47 -7.78 -12.46 25.15
N PRO A 48 -8.79 -13.34 25.21
CA PRO A 48 -8.48 -14.77 25.23
C PRO A 48 -7.86 -15.27 23.93
N ALA A 49 -8.34 -14.76 22.80
CA ALA A 49 -7.73 -15.11 21.52
C ALA A 49 -6.27 -14.68 21.49
N SER A 50 -5.95 -13.49 22.00
CA SER A 50 -4.56 -13.03 22.01
C SER A 50 -3.69 -13.94 22.86
N HIS A 51 -4.19 -14.35 24.02
CA HIS A 51 -3.39 -15.22 24.88
C HIS A 51 -3.12 -16.56 24.20
N SER A 52 -4.13 -17.12 23.53
CA SER A 52 -3.96 -18.35 22.79
C SER A 52 -2.91 -18.20 21.70
N TYR A 53 -3.01 -17.11 20.91
CA TYR A 53 -2.12 -16.91 19.76
C TYR A 53 -0.69 -16.73 20.20
N VAL A 54 -0.48 -16.00 21.30
CA VAL A 54 0.87 -15.79 21.79
C VAL A 54 1.43 -17.09 22.34
N LEU A 55 0.60 -17.92 22.95
CA LEU A 55 1.09 -19.21 23.43
C LEU A 55 1.56 -20.07 22.25
N ASN A 56 0.81 -20.04 21.14
CA ASN A 56 1.22 -20.74 19.95
C ASN A 56 2.56 -20.22 19.42
N LYS A 57 2.76 -18.90 19.49
CA LYS A 57 4.03 -18.33 19.04
C LYS A 57 5.18 -18.75 19.92
N THR A 58 5.00 -18.73 21.24
CA THR A 58 6.08 -19.13 22.13
C THR A 58 6.33 -20.64 22.05
N ARG A 59 5.28 -21.45 21.85
CA ARG A 59 5.46 -22.87 21.59
C ARG A 59 6.34 -23.09 20.37
N ALA A 60 6.00 -22.42 19.27
CA ALA A 60 6.74 -22.58 18.03
C ALA A 60 8.17 -22.12 18.19
N ALA A 61 8.38 -21.05 18.95
CA ALA A 61 9.75 -20.62 19.24
C ALA A 61 10.55 -21.77 19.84
N ALA A 62 9.98 -22.44 20.86
CA ALA A 62 10.69 -23.56 21.47
C ALA A 62 10.93 -24.68 20.46
N VAL A 63 9.94 -24.97 19.63
CA VAL A 63 10.09 -26.00 18.60
C VAL A 63 11.30 -25.72 17.71
N VAL A 64 11.50 -24.47 17.31
CA VAL A 64 12.52 -24.19 16.31
C VAL A 64 13.83 -23.77 16.97
N GLY A 65 13.90 -23.91 18.31
CA GLY A 65 15.14 -23.60 19.00
C GLY A 65 15.43 -22.13 19.24
N ILE A 66 14.39 -21.28 19.24
CA ILE A 66 14.54 -19.84 19.53
C ILE A 66 14.10 -19.62 20.97
N ASN A 67 14.91 -18.91 21.74
CA ASN A 67 14.50 -18.59 23.10
C ASN A 67 13.39 -17.55 23.04
N SER A 68 12.49 -17.57 24.04
CA SER A 68 11.41 -16.57 24.04
C SER A 68 10.98 -16.26 25.47
N GLU A 69 10.23 -15.18 25.58
CA GLU A 69 9.55 -14.77 26.80
C GLU A 69 8.31 -14.00 26.40
N THR A 70 7.23 -14.20 27.13
CA THR A 70 6.06 -13.35 27.04
C THR A 70 6.05 -12.44 28.27
N ILE A 71 5.92 -11.13 28.04
CA ILE A 71 5.76 -10.17 29.11
C ILE A 71 4.31 -9.71 29.08
N MET A 72 3.56 -10.08 30.12
CA MET A 72 2.15 -9.77 30.23
C MET A 72 1.98 -8.55 31.13
N LYS A 73 1.11 -7.64 30.70
CA LYS A 73 0.85 -6.42 31.44
C LYS A 73 -0.65 -6.17 31.48
N PRO A 74 -1.13 -5.53 32.55
CA PRO A 74 -2.57 -5.21 32.62
C PRO A 74 -2.95 -4.26 31.51
N ALA A 75 -4.20 -4.38 31.07
CA ALA A 75 -4.77 -3.43 30.13
C ALA A 75 -4.71 -1.99 30.65
N SER A 76 -4.64 -1.80 31.97
CA SER A 76 -4.64 -0.45 32.53
C SER A 76 -3.29 0.24 32.38
N ILE A 77 -2.26 -0.47 31.89
CA ILE A 77 -0.98 0.15 31.55
C ILE A 77 -1.20 1.38 30.68
N SER A 78 -0.37 2.40 30.87
CA SER A 78 -0.39 3.59 30.04
C SER A 78 0.51 3.43 28.82
N GLU A 79 0.28 4.27 27.82
CA GLU A 79 1.10 4.24 26.61
C GLU A 79 2.56 4.55 26.92
N GLU A 80 2.82 5.50 27.82
CA GLU A 80 4.22 5.78 28.12
C GLU A 80 4.88 4.61 28.82
N GLU A 81 4.13 3.87 29.65
CA GLU A 81 4.70 2.69 30.31
C GLU A 81 5.01 1.59 29.29
N LEU A 82 4.13 1.40 28.30
CA LEU A 82 4.42 0.47 27.22
C LEU A 82 5.66 0.89 26.44
N LEU A 83 5.76 2.19 26.14
CA LEU A 83 6.91 2.72 25.41
C LEU A 83 8.21 2.59 26.17
N ASN A 84 8.18 2.65 27.50
CA ASN A 84 9.41 2.46 28.26
C ASN A 84 9.86 1.00 28.23
N LEU A 85 8.92 0.06 28.33
CA LEU A 85 9.27 -1.35 28.23
C LEU A 85 9.83 -1.67 26.85
N ILE A 86 9.19 -1.15 25.80
CA ILE A 86 9.67 -1.37 24.44
C ILE A 86 11.07 -0.81 24.27
N ASN A 87 11.33 0.38 24.82
CA ASN A 87 12.68 0.94 24.74
C ASN A 87 13.69 0.10 25.51
N LYS A 88 13.29 -0.45 26.65
CA LYS A 88 14.21 -1.34 27.35
C LYS A 88 14.60 -2.50 26.45
N LEU A 89 13.60 -3.16 25.86
CA LEU A 89 13.85 -4.31 24.99
C LEU A 89 14.58 -3.92 23.70
N ASN A 90 14.32 -2.71 23.17
CA ASN A 90 15.09 -2.24 22.01
C ASN A 90 16.58 -2.22 22.32
N ASN A 91 16.93 -1.90 23.56
CA ASN A 91 18.32 -1.70 23.94
C ASN A 91 18.98 -2.96 24.49
N ASP A 92 18.23 -4.04 24.69
CA ASP A 92 18.76 -5.31 25.18
C ASP A 92 19.29 -6.10 23.98
N ASP A 93 20.62 -6.25 23.89
CA ASP A 93 21.23 -6.93 22.75
C ASP A 93 20.86 -8.41 22.68
N ASN A 94 20.39 -8.98 23.79
CA ASN A 94 19.95 -10.38 23.74
C ASN A 94 18.64 -10.54 22.97
N VAL A 95 17.81 -9.51 22.88
CA VAL A 95 16.53 -9.60 22.20
C VAL A 95 16.78 -9.36 20.73
N ASP A 96 16.47 -10.36 19.89
CA ASP A 96 16.60 -10.20 18.46
C ASP A 96 15.30 -9.73 17.82
N GLY A 97 14.18 -10.27 18.28
CA GLY A 97 12.88 -9.92 17.75
C GLY A 97 11.99 -9.45 18.88
N LEU A 98 11.15 -8.46 18.58
CA LEU A 98 10.24 -7.88 19.56
C LEU A 98 8.91 -7.62 18.89
N LEU A 99 7.83 -8.13 19.49
CA LEU A 99 6.51 -7.83 18.97
C LEU A 99 5.54 -7.52 20.10
N VAL A 100 4.61 -6.63 19.82
CA VAL A 100 3.53 -6.29 20.75
C VAL A 100 2.27 -6.88 20.16
N GLN A 101 1.71 -7.89 20.84
CA GLN A 101 0.48 -8.48 20.34
C GLN A 101 -0.64 -7.44 20.33
N LEU A 102 -1.40 -7.39 19.20
CA LEU A 102 -2.55 -6.57 18.92
C LEU A 102 -3.81 -7.40 19.02
N PRO A 103 -4.99 -6.79 19.34
CA PRO A 103 -5.23 -5.35 19.58
C PRO A 103 -4.78 -4.86 20.95
N LEU A 104 -4.52 -3.56 21.08
CA LEU A 104 -4.17 -2.93 22.35
C LEU A 104 -5.38 -2.15 22.88
N PRO A 105 -5.38 -1.74 24.14
CA PRO A 105 -6.52 -0.97 24.67
C PRO A 105 -6.64 0.38 23.99
N GLU A 106 -7.85 0.96 24.07
CA GLU A 106 -8.15 2.18 23.33
C GLU A 106 -7.25 3.35 23.70
N HIS A 107 -6.75 3.38 24.92
CA HIS A 107 -5.91 4.49 25.34
C HIS A 107 -4.47 4.35 24.89
N ILE A 108 -4.15 3.34 24.10
CA ILE A 108 -2.79 3.14 23.61
C ILE A 108 -2.83 3.19 22.09
N ASP A 109 -1.98 4.01 21.50
CA ASP A 109 -1.96 4.18 20.05
C ASP A 109 -1.13 3.06 19.43
N GLU A 110 -1.79 2.13 18.72
CA GLU A 110 -1.09 0.99 18.12
C GLU A 110 0.00 1.45 17.17
N ARG A 111 -0.26 2.50 16.39
CA ARG A 111 0.72 2.97 15.40
C ARG A 111 1.96 3.52 16.07
N ARG A 112 1.79 4.32 17.12
CA ARG A 112 2.95 4.80 17.87
C ARG A 112 3.70 3.62 18.50
N ILE A 113 2.96 2.62 19.01
CA ILE A 113 3.61 1.46 19.61
C ILE A 113 4.41 0.70 18.56
N CYS A 114 3.77 0.39 17.43
CA CYS A 114 4.42 -0.37 16.36
C CYS A 114 5.65 0.35 15.86
N ASN A 115 5.59 1.70 15.80
CA ASN A 115 6.71 2.51 15.31
C ASN A 115 7.80 2.67 16.35
N ALA A 116 7.54 2.34 17.61
CA ALA A 116 8.58 2.42 18.61
C ALA A 116 9.46 1.18 18.64
N VAL A 117 9.00 0.06 18.07
CA VAL A 117 9.84 -1.13 17.97
C VAL A 117 10.98 -0.84 17.00
N SER A 118 12.20 -1.07 17.44
CA SER A 118 13.33 -0.85 16.57
C SER A 118 13.11 -1.61 15.25
N PRO A 119 13.31 -0.97 14.09
CA PRO A 119 12.99 -1.64 12.82
C PRO A 119 13.76 -2.93 12.61
N ASP A 120 14.97 -3.06 13.16
CA ASP A 120 15.70 -4.31 12.98
C ASP A 120 15.14 -5.45 13.83
N LYS A 121 14.37 -5.13 14.86
CA LYS A 121 13.72 -6.13 15.69
C LYS A 121 12.25 -6.31 15.35
N ASP A 122 11.73 -5.53 14.39
CA ASP A 122 10.32 -5.52 14.01
C ASP A 122 9.94 -6.78 13.24
N VAL A 123 9.83 -7.90 13.96
CA VAL A 123 9.52 -9.16 13.30
C VAL A 123 8.09 -9.19 12.78
N ASP A 124 7.23 -8.27 13.24
CA ASP A 124 5.88 -8.10 12.68
C ASP A 124 5.88 -7.38 11.34
N GLY A 125 6.92 -6.64 11.03
CA GLY A 125 6.88 -5.82 9.84
C GLY A 125 5.87 -4.71 9.91
N PHE A 126 5.52 -4.27 11.12
CA PHE A 126 4.51 -3.21 11.30
C PHE A 126 5.09 -1.81 11.38
N HIS A 127 6.40 -1.67 11.52
CA HIS A 127 7.01 -0.35 11.55
C HIS A 127 6.73 0.36 10.22
N VAL A 128 6.48 1.67 10.30
CA VAL A 128 6.11 2.44 9.12
C VAL A 128 7.15 2.31 8.01
N ILE A 129 8.44 2.21 8.36
CA ILE A 129 9.47 2.06 7.33
C ILE A 129 9.33 0.72 6.63
N ASN A 130 9.08 -0.34 7.41
CA ASN A 130 8.82 -1.64 6.81
C ASN A 130 7.56 -1.63 5.96
N VAL A 131 6.53 -0.91 6.41
CA VAL A 131 5.32 -0.81 5.62
C VAL A 131 5.61 -0.09 4.32
N GLY A 132 6.28 1.06 4.40
CA GLY A 132 6.65 1.79 3.19
C GLY A 132 7.52 0.97 2.26
N ARG A 133 8.53 0.29 2.81
CA ARG A 133 9.41 -0.51 1.96
C ARG A 133 8.66 -1.64 1.26
N MET A 134 7.74 -2.28 1.98
CA MET A 134 6.93 -3.33 1.38
C MET A 134 6.06 -2.80 0.25
N CYS A 135 5.46 -1.61 0.44
CA CYS A 135 4.61 -1.04 -0.59
C CYS A 135 5.39 -0.54 -1.79
N LEU A 136 6.70 -0.39 -1.65
CA LEU A 136 7.57 -0.08 -2.78
C LEU A 136 8.26 -1.33 -3.35
N ASP A 137 7.85 -2.52 -2.92
CA ASP A 137 8.43 -3.79 -3.39
C ASP A 137 9.94 -3.85 -3.11
N GLN A 138 10.39 -3.20 -2.04
CA GLN A 138 11.78 -3.33 -1.61
C GLN A 138 11.93 -4.46 -0.61
N TYR A 139 13.17 -4.88 -0.37
CA TYR A 139 13.42 -5.88 0.66
C TYR A 139 12.87 -5.37 1.99
N SER A 140 12.12 -6.22 2.69
CA SER A 140 11.50 -5.79 3.93
C SER A 140 11.17 -7.00 4.76
N MET A 141 10.89 -6.77 6.04
CA MET A 141 10.29 -7.76 6.91
C MET A 141 8.79 -7.80 6.62
N LEU A 142 8.32 -8.92 6.08
CA LEU A 142 6.91 -9.07 5.69
C LEU A 142 6.05 -9.48 6.88
N PRO A 143 4.86 -8.89 7.04
CA PRO A 143 3.99 -9.29 8.15
C PRO A 143 3.60 -10.76 8.03
N ALA A 144 3.47 -11.41 9.20
CA ALA A 144 3.44 -12.87 9.24
C ALA A 144 2.20 -13.43 8.56
N THR A 145 1.01 -12.89 8.87
CA THR A 145 -0.20 -13.47 8.27
C THR A 145 -0.24 -13.30 6.76
N PRO A 146 -0.01 -12.10 6.18
CA PRO A 146 0.07 -12.01 4.70
C PRO A 146 1.13 -12.91 4.09
N TRP A 147 2.30 -12.99 4.69
CA TRP A 147 3.34 -13.88 4.15
C TRP A 147 2.90 -15.34 4.21
N GLY A 148 2.28 -15.77 5.31
CA GLY A 148 1.75 -17.13 5.37
C GLY A 148 0.68 -17.40 4.31
N VAL A 149 -0.14 -16.39 4.00
CA VAL A 149 -1.11 -16.54 2.91
C VAL A 149 -0.39 -16.76 1.58
N TRP A 150 0.64 -15.94 1.33
CA TRP A 150 1.41 -16.08 0.10
C TRP A 150 2.11 -17.43 0.03
N GLU A 151 2.67 -17.90 1.15
CA GLU A 151 3.39 -19.18 1.18
C GLU A 151 2.46 -20.36 0.94
N ILE A 152 1.23 -20.30 1.47
CA ILE A 152 0.24 -21.33 1.18
C ILE A 152 0.04 -21.45 -0.33
N ILE A 153 -0.17 -20.32 -1.00
CA ILE A 153 -0.38 -20.31 -2.43
C ILE A 153 0.85 -20.81 -3.16
N LYS A 154 2.02 -20.31 -2.78
CA LYS A 154 3.25 -20.68 -3.49
C LYS A 154 3.62 -22.13 -3.28
N ARG A 155 3.56 -22.61 -2.04
CA ARG A 155 3.98 -23.99 -1.76
C ARG A 155 2.96 -25.02 -2.25
N THR A 156 1.72 -24.62 -2.48
CA THR A 156 0.75 -25.49 -3.11
C THR A 156 0.83 -25.45 -4.63
N GLY A 157 1.67 -24.58 -5.20
CA GLY A 157 1.79 -24.51 -6.65
C GLY A 157 0.66 -23.83 -7.37
N ILE A 158 -0.17 -23.06 -6.66
CA ILE A 158 -1.29 -22.36 -7.28
C ILE A 158 -0.75 -21.13 -8.01
N PRO A 159 -1.07 -20.95 -9.29
CA PRO A 159 -0.44 -19.87 -10.05
C PRO A 159 -1.11 -18.54 -9.74
N THR A 160 -0.31 -17.48 -9.85
CA THR A 160 -0.85 -16.14 -9.64
C THR A 160 -0.64 -15.18 -10.81
N LEU A 161 0.39 -15.37 -11.62
CA LEU A 161 0.65 -14.42 -12.70
C LEU A 161 -0.52 -14.38 -13.67
N GLY A 162 -1.00 -13.17 -13.96
CA GLY A 162 -2.11 -12.98 -14.87
C GLY A 162 -3.45 -13.43 -14.36
N LYS A 163 -3.54 -13.93 -13.13
CA LYS A 163 -4.79 -14.50 -12.65
C LYS A 163 -5.58 -13.46 -11.89
N ASN A 164 -6.87 -13.75 -11.70
CA ASN A 164 -7.77 -12.85 -11.00
C ASN A 164 -7.86 -13.27 -9.55
N VAL A 165 -7.66 -12.31 -8.64
CA VAL A 165 -7.67 -12.56 -7.21
C VAL A 165 -8.58 -11.54 -6.57
N VAL A 166 -9.45 -11.98 -5.68
CA VAL A 166 -10.26 -11.08 -4.87
C VAL A 166 -9.81 -11.24 -3.42
N VAL A 167 -9.52 -10.13 -2.76
CA VAL A 167 -9.28 -10.08 -1.32
C VAL A 167 -10.48 -9.40 -0.69
N ALA A 168 -11.17 -10.09 0.21
CA ALA A 168 -12.21 -9.45 1.01
C ALA A 168 -11.57 -8.97 2.30
N GLY A 169 -11.44 -7.66 2.45
CA GLY A 169 -10.80 -7.10 3.63
C GLY A 169 -9.68 -6.17 3.24
N ARG A 170 -9.54 -5.05 3.96
CA ARG A 170 -8.50 -4.07 3.65
C ARG A 170 -7.74 -3.65 4.90
N SER A 171 -7.81 -4.41 5.97
CA SER A 171 -7.11 -4.00 7.18
C SER A 171 -5.62 -3.83 6.89
N LYS A 172 -5.00 -2.88 7.58
CA LYS A 172 -3.60 -2.55 7.27
C LYS A 172 -2.65 -3.69 7.58
N ASN A 173 -2.97 -4.53 8.58
CA ASN A 173 -2.04 -5.59 8.98
C ASN A 173 -2.29 -6.90 8.26
N VAL A 174 -3.47 -7.08 7.65
CA VAL A 174 -3.77 -8.34 6.97
C VAL A 174 -4.16 -8.11 5.53
N GLY A 175 -5.31 -7.50 5.29
CA GLY A 175 -5.83 -7.48 3.93
C GLY A 175 -5.03 -6.61 2.97
N MET A 176 -4.60 -5.42 3.41
CA MET A 176 -3.82 -4.57 2.52
C MET A 176 -2.49 -5.20 2.14
N PRO A 177 -1.67 -5.73 3.06
CA PRO A 177 -0.43 -6.41 2.61
C PRO A 177 -0.68 -7.62 1.71
N ILE A 178 -1.74 -8.39 1.94
CA ILE A 178 -2.03 -9.52 1.04
C ILE A 178 -2.27 -9.01 -0.37
N ALA A 179 -3.05 -7.93 -0.50
CA ALA A 179 -3.32 -7.35 -1.82
C ALA A 179 -2.05 -6.77 -2.43
N MET A 180 -1.22 -6.12 -1.62
CA MET A 180 0.07 -5.63 -2.13
C MET A 180 0.94 -6.78 -2.64
N LEU A 181 1.13 -7.83 -1.83
CA LEU A 181 1.98 -8.94 -2.25
C LEU A 181 1.47 -9.57 -3.54
N LEU A 182 0.17 -9.79 -3.65
CA LEU A 182 -0.32 -10.57 -4.79
C LEU A 182 -0.31 -9.80 -6.12
N HIS A 183 -0.42 -8.46 -6.11
CA HIS A 183 -0.55 -7.73 -7.36
C HIS A 183 0.77 -7.19 -7.92
N THR A 184 1.86 -7.30 -7.18
CA THR A 184 3.05 -6.56 -7.55
C THR A 184 4.02 -7.38 -8.40
N ASP A 185 5.00 -6.66 -8.96
CA ASP A 185 5.84 -7.21 -10.02
C ASP A 185 6.71 -8.34 -9.49
N GLY A 186 6.69 -9.48 -10.20
CA GLY A 186 7.53 -10.59 -9.83
C GLY A 186 9.02 -10.31 -9.95
N ALA A 187 9.39 -9.26 -10.69
CA ALA A 187 10.80 -8.97 -10.96
C ALA A 187 11.43 -8.00 -9.97
N HIS A 188 10.66 -7.43 -9.05
CA HIS A 188 11.19 -6.42 -8.13
C HIS A 188 11.95 -7.09 -6.99
N GLU A 189 12.61 -6.25 -6.17
CA GLU A 189 13.47 -6.75 -5.09
C GLU A 189 12.74 -7.76 -4.22
N ARG A 190 11.56 -7.38 -3.71
CA ARG A 190 10.67 -8.34 -3.09
C ARG A 190 9.63 -8.71 -4.13
N PRO A 191 9.69 -9.91 -4.71
CA PRO A 191 8.75 -10.23 -5.81
C PRO A 191 7.32 -10.20 -5.33
N GLY A 192 6.42 -9.85 -6.24
CA GLY A 192 5.00 -9.99 -6.03
C GLY A 192 4.41 -11.10 -6.87
N GLY A 193 3.09 -11.22 -6.80
CA GLY A 193 2.38 -12.29 -7.46
C GLY A 193 1.86 -12.02 -8.85
N ASP A 194 1.90 -10.75 -9.30
CA ASP A 194 1.52 -10.39 -10.67
C ASP A 194 0.09 -10.80 -10.99
N ALA A 195 -0.76 -10.84 -9.98
CA ALA A 195 -2.19 -11.10 -10.17
C ALA A 195 -2.95 -9.80 -10.41
N THR A 196 -4.14 -9.93 -10.97
CA THR A 196 -5.11 -8.85 -11.05
C THR A 196 -5.97 -8.94 -9.79
N VAL A 197 -5.88 -7.94 -8.93
CA VAL A 197 -6.34 -8.10 -7.55
C VAL A 197 -7.47 -7.11 -7.32
N THR A 198 -8.61 -7.62 -6.86
CA THR A 198 -9.73 -6.77 -6.46
C THR A 198 -9.76 -6.70 -4.94
N ILE A 199 -9.79 -5.48 -4.41
CA ILE A 199 -9.89 -5.23 -2.99
C ILE A 199 -11.33 -4.91 -2.67
N SER A 200 -11.99 -5.75 -1.87
CA SER A 200 -13.33 -5.47 -1.37
C SER A 200 -13.29 -5.26 0.13
N HIS A 201 -14.34 -4.67 0.66
CA HIS A 201 -14.35 -4.28 2.07
C HIS A 201 -15.81 -4.10 2.51
N ARG A 202 -15.99 -3.52 3.68
CA ARG A 202 -17.31 -3.43 4.32
C ARG A 202 -18.33 -2.62 3.50
N TYR A 203 -17.90 -1.81 2.53
CA TYR A 203 -18.82 -1.02 1.72
C TYR A 203 -19.00 -1.58 0.32
N THR A 204 -18.39 -2.71 0.02
CA THR A 204 -18.67 -3.43 -1.22
C THR A 204 -20.02 -4.10 -1.11
N PRO A 205 -20.99 -3.78 -1.98
CA PRO A 205 -22.28 -4.47 -1.91
C PRO A 205 -22.11 -5.95 -2.17
N LYS A 206 -22.89 -6.76 -1.44
CA LYS A 206 -22.73 -8.22 -1.55
C LYS A 206 -22.87 -8.68 -2.99
N GLU A 207 -23.70 -8.01 -3.80
CA GLU A 207 -23.87 -8.43 -5.19
C GLU A 207 -22.64 -8.11 -6.02
N GLN A 208 -21.95 -7.01 -5.71
CA GLN A 208 -20.73 -6.67 -6.43
C GLN A 208 -19.56 -7.56 -6.00
N LEU A 209 -19.48 -7.88 -4.71
CA LEU A 209 -18.51 -8.89 -4.26
C LEU A 209 -18.63 -10.14 -5.12
N LYS A 210 -19.82 -10.76 -5.11
CA LYS A 210 -20.08 -11.97 -5.88
C LYS A 210 -19.74 -11.79 -7.36
N LYS A 211 -20.00 -10.60 -7.91
CA LYS A 211 -19.71 -10.36 -9.31
C LYS A 211 -18.20 -10.38 -9.58
N HIS A 212 -17.37 -10.09 -8.58
CA HIS A 212 -15.93 -10.18 -8.74
C HIS A 212 -15.40 -11.56 -8.35
N THR A 213 -15.92 -12.16 -7.27
CA THR A 213 -15.43 -13.47 -6.86
C THR A 213 -15.69 -14.53 -7.92
N ILE A 214 -16.85 -14.45 -8.60
CA ILE A 214 -17.20 -15.42 -9.62
C ILE A 214 -16.22 -15.39 -10.79
N LEU A 215 -15.44 -14.32 -10.90
CA LEU A 215 -14.39 -14.27 -11.92
C LEU A 215 -13.03 -14.71 -11.39
N ALA A 216 -12.91 -14.95 -10.09
CA ALA A 216 -11.62 -15.07 -9.43
C ALA A 216 -11.07 -16.49 -9.49
N ASP A 217 -9.76 -16.59 -9.75
CA ASP A 217 -9.05 -17.83 -9.58
C ASP A 217 -8.57 -18.06 -8.16
N ILE A 218 -8.45 -17.01 -7.35
CA ILE A 218 -8.09 -17.13 -5.93
C ILE A 218 -8.98 -16.16 -5.17
N VAL A 219 -9.63 -16.66 -4.12
CA VAL A 219 -10.45 -15.81 -3.26
C VAL A 219 -9.84 -15.85 -1.87
N ILE A 220 -9.53 -14.69 -1.33
CA ILE A 220 -8.84 -14.61 -0.04
C ILE A 220 -9.72 -13.76 0.85
N SER A 221 -10.33 -14.39 1.84
CA SER A 221 -11.26 -13.67 2.68
C SER A 221 -10.60 -13.38 4.01
N ALA A 222 -10.53 -12.10 4.35
CA ALA A 222 -9.96 -11.65 5.62
C ALA A 222 -10.87 -10.59 6.20
N ALA A 223 -12.17 -10.89 6.23
CA ALA A 223 -13.18 -9.95 6.70
C ALA A 223 -13.63 -10.22 8.13
N GLY A 224 -13.67 -11.48 8.55
CA GLY A 224 -14.21 -11.76 9.87
C GLY A 224 -15.72 -11.86 9.88
N ILE A 225 -16.30 -12.42 8.83
CA ILE A 225 -17.75 -12.55 8.67
C ILE A 225 -18.08 -13.98 8.28
N PRO A 226 -18.75 -14.75 9.13
CA PRO A 226 -19.06 -16.14 8.78
C PRO A 226 -19.91 -16.24 7.53
N ASN A 227 -19.64 -17.28 6.74
CA ASN A 227 -20.40 -17.55 5.51
C ASN A 227 -20.41 -16.36 4.56
N LEU A 228 -19.36 -15.53 4.61
CA LEU A 228 -19.26 -14.44 3.63
C LEU A 228 -19.02 -14.98 2.23
N ILE A 229 -18.23 -16.04 2.11
CA ILE A 229 -17.97 -16.69 0.84
C ILE A 229 -18.81 -17.96 0.79
N THR A 230 -19.65 -18.10 -0.23
CA THR A 230 -20.49 -19.28 -0.37
C THR A 230 -20.30 -19.85 -1.77
N ALA A 231 -20.77 -21.08 -1.94
CA ALA A 231 -20.43 -21.85 -3.13
C ALA A 231 -20.85 -21.14 -4.42
N ASP A 232 -21.93 -20.36 -4.39
CA ASP A 232 -22.42 -19.69 -5.60
C ASP A 232 -21.53 -18.53 -6.03
N MET A 233 -20.66 -18.03 -5.15
CA MET A 233 -19.76 -16.92 -5.47
C MET A 233 -18.44 -17.37 -6.08
N ILE A 234 -18.17 -18.68 -6.12
CA ILE A 234 -16.86 -19.23 -6.48
C ILE A 234 -16.99 -19.90 -7.84
N LYS A 235 -16.02 -19.68 -8.72
CA LYS A 235 -15.96 -20.43 -9.95
C LYS A 235 -15.32 -21.79 -9.70
N GLU A 236 -15.68 -22.77 -10.53
CA GLU A 236 -15.21 -24.14 -10.33
C GLU A 236 -13.69 -24.22 -10.44
N GLY A 237 -13.08 -24.91 -9.47
CA GLY A 237 -11.65 -25.10 -9.45
C GLY A 237 -10.85 -23.99 -8.79
N ALA A 238 -11.51 -22.94 -8.30
CA ALA A 238 -10.80 -21.81 -7.73
C ALA A 238 -10.19 -22.15 -6.37
N ALA A 239 -9.11 -21.46 -6.03
CA ALA A 239 -8.49 -21.57 -4.73
C ALA A 239 -9.15 -20.59 -3.77
N VAL A 240 -9.53 -21.09 -2.58
CA VAL A 240 -10.16 -20.26 -1.58
C VAL A 240 -9.36 -20.36 -0.29
N ILE A 241 -8.86 -19.22 0.19
CA ILE A 241 -8.01 -19.15 1.38
C ILE A 241 -8.74 -18.33 2.44
N ASP A 242 -9.00 -18.97 3.57
CA ASP A 242 -9.85 -18.42 4.62
C ASP A 242 -8.98 -17.86 5.74
N VAL A 243 -8.88 -16.51 5.79
CA VAL A 243 -8.14 -15.84 6.86
C VAL A 243 -9.02 -15.50 8.06
N GLY A 244 -10.35 -15.54 7.93
CA GLY A 244 -11.19 -15.24 9.06
C GLY A 244 -11.09 -16.29 10.16
N ILE A 245 -11.16 -15.84 11.41
CA ILE A 245 -11.34 -16.72 12.57
C ILE A 245 -12.49 -16.14 13.40
N ASN A 246 -13.69 -16.67 13.22
CA ASN A 246 -14.89 -16.14 13.85
C ASN A 246 -15.41 -17.12 14.91
N ARG A 247 -15.57 -16.63 16.14
CA ARG A 247 -16.20 -17.39 17.22
C ARG A 247 -17.72 -17.25 17.09
N VAL A 248 -18.40 -18.35 16.73
CA VAL A 248 -19.82 -18.32 16.44
C VAL A 248 -20.58 -19.43 17.18
N LYS A 257 -17.52 -22.98 19.03
CA LYS A 257 -17.13 -23.34 17.67
C LYS A 257 -16.45 -22.18 16.94
N LEU A 258 -15.38 -22.50 16.20
CA LEU A 258 -14.66 -21.54 15.38
C LEU A 258 -14.91 -21.84 13.91
N VAL A 259 -15.33 -20.83 13.17
CA VAL A 259 -15.48 -20.92 11.73
C VAL A 259 -14.61 -19.86 11.09
N GLY A 260 -14.38 -20.01 9.80
CA GLY A 260 -13.73 -18.99 9.00
C GLY A 260 -14.75 -18.02 8.44
N ASP A 261 -14.37 -17.33 7.36
CA ASP A 261 -15.31 -16.53 6.59
C ASP A 261 -16.03 -17.33 5.53
N VAL A 262 -15.59 -18.57 5.30
CA VAL A 262 -16.01 -19.35 4.15
C VAL A 262 -17.01 -20.40 4.61
N ASP A 263 -17.99 -20.67 3.76
CA ASP A 263 -18.92 -21.78 3.96
C ASP A 263 -18.15 -23.05 3.60
N PHE A 264 -17.43 -23.59 4.58
CA PHE A 264 -16.43 -24.62 4.29
C PHE A 264 -17.05 -25.80 3.55
N GLU A 265 -18.13 -26.37 4.11
CA GLU A 265 -18.72 -27.55 3.49
C GLU A 265 -19.32 -27.23 2.13
N GLY A 266 -19.93 -26.05 1.98
CA GLY A 266 -20.50 -25.67 0.69
C GLY A 266 -19.44 -25.42 -0.37
N VAL A 267 -18.47 -24.56 -0.05
CA VAL A 267 -17.45 -24.20 -1.04
C VAL A 267 -16.56 -25.40 -1.36
N ARG A 268 -16.37 -26.31 -0.40
CA ARG A 268 -15.57 -27.52 -0.60
C ARG A 268 -16.01 -28.32 -1.82
N GLN A 269 -17.29 -28.24 -2.17
CA GLN A 269 -17.81 -28.98 -3.32
C GLN A 269 -17.49 -28.31 -4.64
N LYS A 270 -17.14 -27.01 -4.63
CA LYS A 270 -16.90 -26.30 -5.88
C LYS A 270 -15.46 -25.82 -6.06
N ALA A 271 -14.76 -25.46 -4.99
CA ALA A 271 -13.40 -24.96 -5.10
C ALA A 271 -12.45 -26.06 -5.58
N GLY A 272 -11.37 -25.64 -6.22
CA GLY A 272 -10.25 -26.55 -6.43
C GLY A 272 -9.42 -26.78 -5.18
N TYR A 273 -9.23 -25.72 -4.39
CA TYR A 273 -8.47 -25.79 -3.14
C TYR A 273 -9.19 -24.99 -2.08
N ILE A 274 -8.91 -25.32 -0.82
CA ILE A 274 -9.58 -24.61 0.27
C ILE A 274 -8.77 -24.79 1.53
N THR A 275 -8.68 -23.72 2.32
CA THR A 275 -8.03 -23.95 3.59
C THR A 275 -9.07 -24.03 4.69
N PRO A 276 -8.87 -24.87 5.71
CA PRO A 276 -9.85 -24.95 6.80
C PRO A 276 -9.61 -23.88 7.86
N VAL A 277 -10.64 -23.67 8.66
CA VAL A 277 -10.48 -22.96 9.93
C VAL A 277 -11.11 -23.83 11.01
N PRO A 278 -10.39 -24.16 12.08
CA PRO A 278 -8.97 -23.83 12.29
C PRO A 278 -8.01 -24.70 11.49
N GLY A 279 -6.71 -24.52 11.71
CA GLY A 279 -5.72 -25.34 11.03
C GLY A 279 -5.35 -24.92 9.63
N GLY A 280 -5.66 -23.69 9.23
CA GLY A 280 -5.23 -23.24 7.93
C GLY A 280 -4.24 -22.09 8.04
N VAL A 281 -4.72 -20.86 7.85
CA VAL A 281 -3.83 -19.71 7.84
C VAL A 281 -3.19 -19.46 9.21
N GLY A 282 -3.92 -19.75 10.30
CA GLY A 282 -3.41 -19.49 11.63
C GLY A 282 -2.04 -20.08 11.97
N PRO A 283 -1.88 -21.40 11.83
CA PRO A 283 -0.54 -21.95 12.07
C PRO A 283 0.50 -21.41 11.11
N MET A 284 0.10 -21.05 9.88
CA MET A 284 1.03 -20.46 8.94
C MET A 284 1.54 -19.11 9.43
N THR A 285 0.66 -18.31 10.09
CA THR A 285 1.13 -17.06 10.69
C THR A 285 2.24 -17.32 11.67
N VAL A 286 2.09 -18.33 12.50
CA VAL A 286 3.09 -18.58 13.52
C VAL A 286 4.40 -19.02 12.87
N ALA A 287 4.31 -19.87 11.84
CA ALA A 287 5.54 -20.36 11.18
C ALA A 287 6.29 -19.21 10.50
N MET A 288 5.58 -18.27 9.84
CA MET A 288 6.29 -17.18 9.18
C MET A 288 6.93 -16.23 10.20
N LEU A 289 6.35 -16.11 11.40
CA LEU A 289 7.00 -15.31 12.44
C LEU A 289 8.35 -15.90 12.84
N MET A 290 8.41 -17.22 13.00
CA MET A 290 9.68 -17.90 13.23
C MET A 290 10.71 -17.56 12.14
N LYS A 291 10.29 -17.61 10.87
CA LYS A 291 11.20 -17.22 9.79
C LYS A 291 11.67 -15.78 9.95
N ASN A 292 10.76 -14.85 10.35
CA ASN A 292 11.17 -13.45 10.50
C ASN A 292 12.15 -13.29 11.65
N THR A 293 11.96 -14.05 12.72
CA THR A 293 12.83 -13.94 13.89
C THR A 293 14.27 -14.36 13.58
N ILE A 294 14.46 -15.45 12.82
CA ILE A 294 15.83 -15.83 12.43
C ILE A 294 16.40 -14.81 11.45
N ILE A 295 15.55 -14.26 10.56
CA ILE A 295 16.02 -13.19 9.69
C ILE A 295 16.46 -11.99 10.53
N ALA A 296 15.69 -11.62 11.55
CA ALA A 296 16.10 -10.49 12.39
C ALA A 296 17.39 -10.80 13.13
N ALA A 297 17.49 -12.01 13.71
CA ALA A 297 18.71 -12.37 14.42
C ALA A 297 19.93 -12.31 13.51
N LYS A 298 19.77 -12.60 12.22
CA LYS A 298 20.89 -12.56 11.29
C LYS A 298 21.24 -11.16 10.81
N LYS A 299 20.44 -10.15 11.13
CA LYS A 299 20.68 -8.77 10.68
C LYS A 299 20.89 -8.70 9.17
N VAL A 300 20.08 -9.45 8.41
CA VAL A 300 20.15 -9.43 6.95
C VAL A 300 19.68 -8.08 6.39
N LEU A 301 18.58 -7.54 6.91
CA LEU A 301 18.05 -6.26 6.40
C LEU A 301 18.39 -5.08 7.32
N VAL B 7 -20.17 14.07 -20.69
CA VAL B 7 -19.55 15.22 -20.06
C VAL B 7 -18.03 15.13 -20.16
N VAL B 8 -17.37 16.22 -20.55
CA VAL B 8 -15.92 16.29 -20.59
C VAL B 8 -15.47 17.18 -19.43
N ILE B 9 -14.83 16.57 -18.43
CA ILE B 9 -14.38 17.32 -17.25
C ILE B 9 -13.20 18.19 -17.65
N SER B 10 -13.26 19.46 -17.28
CA SER B 10 -12.16 20.37 -17.56
C SER B 10 -11.16 20.31 -16.42
N GLY B 11 -10.01 19.68 -16.68
CA GLY B 11 -8.93 19.72 -15.71
C GLY B 11 -8.40 21.11 -15.49
N ARG B 12 -8.43 21.94 -16.54
CA ARG B 12 -7.97 23.31 -16.42
C ARG B 12 -8.85 24.10 -15.47
N LYS B 13 -10.17 23.93 -15.55
CA LYS B 13 -11.08 24.71 -14.71
C LYS B 13 -10.97 24.29 -13.25
N LEU B 14 -10.89 22.98 -12.97
CA LEU B 14 -10.77 22.56 -11.58
C LEU B 14 -9.43 22.98 -10.99
N ALA B 15 -8.35 22.88 -11.77
CA ALA B 15 -7.04 23.30 -11.25
C ALA B 15 -7.04 24.80 -10.96
N GLN B 16 -7.73 25.58 -11.80
CA GLN B 16 -7.85 27.01 -11.56
C GLN B 16 -8.50 27.29 -10.21
N GLN B 17 -9.58 26.58 -9.88
CA GLN B 17 -10.22 26.78 -8.58
C GLN B 17 -9.30 26.37 -7.44
N ILE B 18 -8.62 25.24 -7.58
CA ILE B 18 -7.69 24.79 -6.55
C ILE B 18 -6.58 25.82 -6.37
N LYS B 19 -6.05 26.33 -7.48
CA LYS B 19 -4.97 27.30 -7.37
C LYS B 19 -5.49 28.61 -6.75
N GLN B 20 -6.74 28.98 -7.02
CA GLN B 20 -7.28 30.16 -6.33
C GLN B 20 -7.38 29.92 -4.83
N GLU B 21 -7.82 28.72 -4.43
CA GLU B 21 -7.85 28.37 -3.00
C GLU B 21 -6.46 28.47 -2.38
N VAL B 22 -5.43 27.94 -3.05
CA VAL B 22 -4.08 28.01 -2.51
C VAL B 22 -3.62 29.45 -2.41
N ARG B 23 -3.88 30.24 -3.44
CA ARG B 23 -3.46 31.64 -3.44
C ARG B 23 -4.05 32.39 -2.24
N GLN B 24 -5.33 32.15 -1.95
CA GLN B 24 -5.95 32.78 -0.79
C GLN B 24 -5.33 32.28 0.50
N GLU B 25 -5.10 30.97 0.61
CA GLU B 25 -4.46 30.42 1.79
C GLU B 25 -3.05 30.98 1.97
N VAL B 26 -2.33 31.16 0.87
CA VAL B 26 -0.97 31.69 0.97
C VAL B 26 -1.00 33.16 1.36
N GLU B 27 -1.92 33.93 0.79
CA GLU B 27 -2.01 35.33 1.16
C GLU B 27 -2.37 35.50 2.63
N GLU B 28 -3.32 34.71 3.14
CA GLU B 28 -3.68 34.82 4.56
C GLU B 28 -2.49 34.48 5.44
N TRP B 29 -1.77 33.42 5.07
CA TRP B 29 -0.61 32.96 5.83
C TRP B 29 0.49 34.02 5.83
N VAL B 30 0.72 34.69 4.71
CA VAL B 30 1.70 35.76 4.69
C VAL B 30 1.18 36.99 5.44
N ALA B 31 -0.11 37.30 5.28
CA ALA B 31 -0.67 38.48 5.93
C ALA B 31 -0.60 38.38 7.44
N SER B 32 -0.53 37.16 7.97
CA SER B 32 -0.39 36.92 9.39
C SER B 32 1.06 36.98 9.84
N GLY B 33 1.98 37.36 8.95
CA GLY B 33 3.36 37.58 9.32
C GLY B 33 4.31 36.42 9.09
N ASN B 34 3.89 35.37 8.38
CA ASN B 34 4.80 34.26 8.17
C ASN B 34 5.61 34.46 6.90
N LYS B 35 6.73 33.74 6.82
CA LYS B 35 7.54 33.72 5.62
C LYS B 35 6.73 33.27 4.41
N ARG B 36 7.04 33.84 3.25
CA ARG B 36 6.38 33.40 2.03
C ARG B 36 6.91 32.01 1.64
N PRO B 37 6.04 31.07 1.30
CA PRO B 37 6.52 29.72 0.98
C PRO B 37 7.44 29.75 -0.23
N HIS B 38 8.39 28.82 -0.24
CA HIS B 38 9.38 28.70 -1.31
C HIS B 38 9.50 27.23 -1.73
N LEU B 39 9.38 26.98 -3.02
CA LEU B 39 9.54 25.64 -3.59
C LEU B 39 10.82 25.55 -4.41
N SER B 40 11.65 24.56 -4.11
CA SER B 40 12.85 24.27 -4.90
C SER B 40 12.63 23.02 -5.74
N VAL B 41 12.79 23.16 -7.06
CA VAL B 41 12.68 22.04 -7.99
C VAL B 41 14.05 21.78 -8.59
N ILE B 42 14.50 20.52 -8.51
CA ILE B 42 15.72 20.09 -9.19
C ILE B 42 15.35 19.36 -10.46
N LEU B 43 16.00 19.72 -11.56
CA LEU B 43 15.72 19.20 -12.88
C LEU B 43 17.03 18.72 -13.49
N VAL B 44 17.07 17.47 -13.93
CA VAL B 44 18.29 16.83 -14.44
C VAL B 44 18.07 16.51 -15.92
N GLY B 45 18.99 16.99 -16.77
CA GLY B 45 18.95 16.64 -18.17
C GLY B 45 17.95 17.45 -18.99
N GLU B 46 17.65 16.94 -20.18
CA GLU B 46 16.94 17.73 -21.19
C GLU B 46 15.72 16.99 -21.74
N ASN B 47 15.10 16.14 -20.94
CA ASN B 47 13.80 15.59 -21.26
C ASN B 47 12.82 16.73 -21.56
N PRO B 48 12.35 16.87 -22.81
CA PRO B 48 11.47 18.00 -23.14
C PRO B 48 10.17 18.02 -22.35
N ALA B 49 9.60 16.86 -22.06
CA ALA B 49 8.39 16.81 -21.24
C ALA B 49 8.68 17.24 -19.81
N SER B 50 9.81 16.82 -19.25
CA SER B 50 10.17 17.22 -17.89
C SER B 50 10.32 18.73 -17.77
N HIS B 51 11.02 19.35 -18.73
CA HIS B 51 11.17 20.81 -18.72
C HIS B 51 9.82 21.50 -18.87
N SER B 52 8.98 20.99 -19.76
CA SER B 52 7.65 21.56 -19.91
C SER B 52 6.88 21.47 -18.60
N TYR B 53 6.94 20.29 -17.95
CA TYR B 53 6.17 20.06 -16.73
C TYR B 53 6.68 20.93 -15.59
N VAL B 54 8.00 21.04 -15.44
CA VAL B 54 8.59 21.84 -14.36
C VAL B 54 8.23 23.32 -14.55
N LEU B 55 8.27 23.82 -15.78
CA LEU B 55 7.88 25.21 -16.04
C LEU B 55 6.42 25.44 -15.69
N ASN B 56 5.55 24.47 -16.00
CA ASN B 56 4.18 24.55 -15.55
C ASN B 56 4.11 24.64 -14.03
N LYS B 57 4.94 23.86 -13.33
CA LYS B 57 4.93 23.91 -11.87
C LYS B 57 5.38 25.28 -11.34
N THR B 58 6.43 25.86 -11.93
CA THR B 58 6.94 27.12 -11.42
C THR B 58 6.07 28.30 -11.85
N ARG B 59 5.39 28.21 -13.00
CA ARG B 59 4.40 29.22 -13.36
C ARG B 59 3.26 29.25 -12.35
N ALA B 60 2.74 28.07 -11.98
CA ALA B 60 1.63 28.01 -11.02
C ALA B 60 2.06 28.50 -9.64
N ALA B 61 3.28 28.14 -9.23
CA ALA B 61 3.82 28.67 -7.97
C ALA B 61 3.75 30.19 -7.92
N ALA B 62 4.25 30.85 -8.97
CA ALA B 62 4.30 32.31 -8.97
C ALA B 62 2.90 32.89 -8.87
N VAL B 63 1.97 32.29 -9.60
CA VAL B 63 0.63 32.87 -9.66
C VAL B 63 -0.12 32.67 -8.35
N VAL B 64 0.28 31.70 -7.52
CA VAL B 64 -0.37 31.54 -6.22
C VAL B 64 0.45 32.16 -5.09
N GLY B 65 1.47 32.95 -5.41
CA GLY B 65 2.25 33.61 -4.38
C GLY B 65 3.32 32.76 -3.70
N ILE B 66 3.74 31.66 -4.30
CA ILE B 66 4.80 30.81 -3.77
C ILE B 66 6.10 31.12 -4.53
N ASN B 67 7.15 31.49 -3.81
CA ASN B 67 8.44 31.70 -4.45
C ASN B 67 9.01 30.35 -4.91
N SER B 68 9.74 30.37 -6.01
CA SER B 68 10.30 29.12 -6.55
C SER B 68 11.64 29.37 -7.21
N GLU B 69 12.39 28.27 -7.37
CA GLU B 69 13.58 28.25 -8.20
C GLU B 69 13.71 26.85 -8.81
N THR B 70 14.04 26.80 -10.09
CA THR B 70 14.42 25.55 -10.73
C THR B 70 15.95 25.48 -10.82
N ILE B 71 16.52 24.42 -10.26
CA ILE B 71 17.96 24.18 -10.34
C ILE B 71 18.17 23.08 -11.37
N MET B 72 18.74 23.46 -12.51
CA MET B 72 18.92 22.56 -13.63
C MET B 72 20.37 22.09 -13.67
N LYS B 73 20.56 20.79 -13.83
CA LYS B 73 21.86 20.14 -13.86
C LYS B 73 21.95 19.28 -15.12
N PRO B 74 23.15 19.08 -15.66
CA PRO B 74 23.30 18.20 -16.82
C PRO B 74 23.01 16.76 -16.44
N ALA B 75 22.54 16.01 -17.45
CA ALA B 75 22.30 14.57 -17.29
C ALA B 75 23.54 13.82 -16.84
N SER B 76 24.73 14.35 -17.13
CA SER B 76 26.03 13.79 -16.72
C SER B 76 26.31 13.96 -15.23
N ILE B 77 25.43 14.63 -14.49
CA ILE B 77 25.60 14.75 -13.04
C ILE B 77 25.69 13.36 -12.44
N SER B 78 26.45 13.23 -11.35
CA SER B 78 26.60 11.97 -10.65
C SER B 78 25.65 11.92 -9.45
N GLU B 79 25.39 10.69 -8.99
CA GLU B 79 24.47 10.49 -7.88
C GLU B 79 24.94 11.20 -6.60
N GLU B 80 26.25 11.14 -6.29
CA GLU B 80 26.71 11.81 -5.07
C GLU B 80 26.58 13.33 -5.19
N GLU B 81 26.70 13.88 -6.40
CA GLU B 81 26.60 15.32 -6.57
C GLU B 81 25.15 15.79 -6.50
N LEU B 82 24.21 14.98 -7.00
CA LEU B 82 22.80 15.24 -6.76
C LEU B 82 22.48 15.15 -5.28
N LEU B 83 23.03 14.16 -4.58
CA LEU B 83 22.81 14.02 -3.14
C LEU B 83 23.38 15.20 -2.38
N ASN B 84 24.49 15.77 -2.85
CA ASN B 84 25.02 16.95 -2.16
C ASN B 84 24.07 18.14 -2.30
N LEU B 85 23.59 18.39 -3.52
CA LEU B 85 22.65 19.49 -3.74
C LEU B 85 21.38 19.33 -2.92
N ILE B 86 20.88 18.10 -2.80
CA ILE B 86 19.67 17.84 -2.01
C ILE B 86 19.90 18.18 -0.55
N ASN B 87 21.08 17.81 -0.03
CA ASN B 87 21.35 18.02 1.39
C ASN B 87 21.53 19.50 1.72
N LYS B 88 22.14 20.26 0.81
CA LYS B 88 22.21 21.71 1.01
C LYS B 88 20.81 22.32 1.04
N LEU B 89 19.94 21.91 0.10
CA LEU B 89 18.57 22.41 0.07
C LEU B 89 17.79 21.97 1.30
N ASN B 90 18.00 20.73 1.74
CA ASN B 90 17.35 20.23 2.96
C ASN B 90 17.65 21.13 4.15
N ASN B 91 18.84 21.74 4.20
CA ASN B 91 19.25 22.55 5.33
C ASN B 91 19.05 24.04 5.12
N ASP B 92 18.59 24.45 3.94
CA ASP B 92 18.31 25.86 3.65
C ASP B 92 16.93 26.17 4.20
N ASP B 93 16.88 26.88 5.33
CA ASP B 93 15.62 27.13 6.01
C ASP B 93 14.63 27.94 5.18
N ASN B 94 15.09 28.61 4.12
CA ASN B 94 14.16 29.31 3.24
C ASN B 94 13.36 28.34 2.37
N VAL B 95 13.88 27.13 2.15
CA VAL B 95 13.24 26.16 1.26
C VAL B 95 12.19 25.39 2.05
N ASP B 96 10.92 25.54 1.68
CA ASP B 96 9.86 24.77 2.35
C ASP B 96 9.59 23.44 1.69
N GLY B 97 9.55 23.40 0.36
CA GLY B 97 9.31 22.18 -0.39
C GLY B 97 10.47 21.92 -1.33
N LEU B 98 10.80 20.64 -1.51
CA LEU B 98 11.88 20.23 -2.38
C LEU B 98 11.43 19.01 -3.17
N LEU B 99 11.55 19.08 -4.49
CA LEU B 99 11.20 17.92 -5.31
C LEU B 99 12.24 17.75 -6.41
N VAL B 100 12.59 16.50 -6.70
CA VAL B 100 13.49 16.17 -7.80
C VAL B 100 12.64 15.59 -8.92
N GLN B 101 12.65 16.27 -10.07
CA GLN B 101 11.82 15.84 -11.19
C GLN B 101 12.35 14.53 -11.74
N LEU B 102 11.43 13.59 -11.99
CA LEU B 102 11.75 12.28 -12.55
C LEU B 102 11.25 12.22 -13.98
N PRO B 103 11.81 11.33 -14.83
CA PRO B 103 12.83 10.31 -14.53
C PRO B 103 14.23 10.91 -14.43
N LEU B 104 15.08 10.29 -13.62
CA LEU B 104 16.51 10.58 -13.51
C LEU B 104 17.30 9.70 -14.47
N PRO B 105 18.54 10.08 -14.80
CA PRO B 105 19.37 9.22 -15.66
C PRO B 105 19.61 7.84 -15.05
N GLU B 106 19.76 6.85 -15.94
CA GLU B 106 19.81 5.45 -15.51
C GLU B 106 20.89 5.17 -14.47
N HIS B 107 21.96 5.97 -14.44
CA HIS B 107 23.02 5.72 -13.47
C HIS B 107 22.70 6.28 -12.09
N ILE B 108 21.55 6.92 -11.90
CA ILE B 108 21.14 7.46 -10.61
C ILE B 108 20.00 6.61 -10.06
N ASP B 109 20.12 6.20 -8.80
CA ASP B 109 19.09 5.40 -8.14
C ASP B 109 18.00 6.33 -7.62
N GLU B 110 16.82 6.29 -8.25
CA GLU B 110 15.76 7.24 -7.92
C GLU B 110 15.26 7.05 -6.50
N ARG B 111 15.19 5.80 -6.01
CA ARG B 111 14.71 5.59 -4.65
C ARG B 111 15.68 6.14 -3.63
N ARG B 112 16.99 6.05 -3.90
CA ARG B 112 17.96 6.70 -3.03
C ARG B 112 17.76 8.22 -3.04
N ILE B 113 17.43 8.77 -4.20
CA ILE B 113 17.25 10.22 -4.31
C ILE B 113 15.98 10.66 -3.60
N CYS B 114 14.87 9.94 -3.83
CA CYS B 114 13.61 10.29 -3.19
C CYS B 114 13.73 10.23 -1.67
N ASN B 115 14.46 9.24 -1.14
CA ASN B 115 14.65 9.11 0.30
C ASN B 115 15.60 10.14 0.88
N ALA B 116 16.35 10.86 0.04
CA ALA B 116 17.28 11.85 0.55
C ALA B 116 16.60 13.19 0.82
N VAL B 117 15.46 13.44 0.19
CA VAL B 117 14.72 14.66 0.48
C VAL B 117 14.13 14.57 1.88
N SER B 118 14.33 15.59 2.68
CA SER B 118 13.76 15.61 4.02
C SER B 118 12.26 15.37 3.97
N PRO B 119 11.73 14.44 4.77
CA PRO B 119 10.30 14.09 4.66
C PRO B 119 9.38 15.28 4.87
N ASP B 120 9.79 16.28 5.65
CA ASP B 120 8.95 17.44 5.87
C ASP B 120 8.94 18.40 4.69
N LYS B 121 9.93 18.29 3.79
CA LYS B 121 9.98 19.06 2.55
C LYS B 121 9.54 18.26 1.34
N ASP B 122 9.19 16.99 1.54
CA ASP B 122 8.89 16.03 0.48
C ASP B 122 7.48 16.27 -0.08
N VAL B 123 7.32 17.37 -0.81
CA VAL B 123 6.02 17.73 -1.36
C VAL B 123 5.55 16.72 -2.41
N ASP B 124 6.46 15.88 -2.94
CA ASP B 124 6.09 14.77 -3.82
C ASP B 124 5.43 13.63 -3.07
N GLY B 125 5.65 13.49 -1.77
CA GLY B 125 5.23 12.28 -1.09
C GLY B 125 5.92 11.02 -1.56
N PHE B 126 7.17 11.11 -2.03
CA PHE B 126 7.91 9.94 -2.51
C PHE B 126 8.83 9.33 -1.45
N HIS B 127 9.09 10.04 -0.35
CA HIS B 127 9.90 9.46 0.72
C HIS B 127 9.21 8.23 1.32
N VAL B 128 10.01 7.20 1.60
CA VAL B 128 9.48 5.93 2.07
C VAL B 128 8.58 6.11 3.29
N ILE B 129 8.90 7.07 4.16
CA ILE B 129 8.05 7.33 5.31
C ILE B 129 6.71 7.93 4.88
N ASN B 130 6.73 8.78 3.85
CA ASN B 130 5.46 9.29 3.33
C ASN B 130 4.69 8.21 2.60
N VAL B 131 5.39 7.32 1.89
CA VAL B 131 4.70 6.19 1.26
C VAL B 131 4.04 5.33 2.31
N GLY B 132 4.80 5.00 3.37
CA GLY B 132 4.26 4.17 4.44
C GLY B 132 3.08 4.81 5.15
N ARG B 133 3.20 6.10 5.48
CA ARG B 133 2.08 6.80 6.14
C ARG B 133 0.84 6.82 5.25
N MET B 134 1.03 7.02 3.94
CA MET B 134 -0.09 6.96 3.00
C MET B 134 -0.77 5.60 3.01
N CYS B 135 0.03 4.52 2.97
CA CYS B 135 -0.54 3.18 2.91
C CYS B 135 -1.20 2.76 4.21
N LEU B 136 -0.90 3.46 5.32
CA LEU B 136 -1.60 3.28 6.59
C LEU B 136 -2.75 4.25 6.81
N ASP B 137 -3.12 5.04 5.79
CA ASP B 137 -4.22 6.03 5.90
C ASP B 137 -3.92 7.10 6.96
N GLN B 138 -2.64 7.41 7.20
CA GLN B 138 -2.30 8.50 8.11
C GLN B 138 -2.15 9.81 7.35
N TYR B 139 -2.18 10.92 8.11
CA TYR B 139 -1.91 12.23 7.51
C TYR B 139 -0.56 12.16 6.81
N SER B 140 -0.52 12.63 5.57
CA SER B 140 0.73 12.57 4.82
C SER B 140 0.65 13.58 3.68
N MET B 141 1.82 13.87 3.10
CA MET B 141 1.90 14.56 1.81
C MET B 141 1.53 13.59 0.72
N LEU B 142 0.43 13.82 0.07
CA LEU B 142 -0.03 12.91 -0.95
C LEU B 142 0.68 13.19 -2.28
N PRO B 143 1.05 12.15 -3.02
CA PRO B 143 1.67 12.40 -4.34
C PRO B 143 0.70 13.16 -5.22
N ALA B 144 1.23 14.08 -6.03
CA ALA B 144 0.37 15.10 -6.61
C ALA B 144 -0.55 14.53 -7.69
N THR B 145 0.00 13.70 -8.60
CA THR B 145 -0.87 13.13 -9.64
C THR B 145 -1.97 12.25 -9.07
N PRO B 146 -1.70 11.28 -8.17
CA PRO B 146 -2.81 10.54 -7.57
C PRO B 146 -3.80 11.41 -6.83
N TRP B 147 -3.33 12.45 -6.13
CA TRP B 147 -4.23 13.36 -5.44
C TRP B 147 -5.07 14.15 -6.45
N GLY B 148 -4.45 14.58 -7.55
CA GLY B 148 -5.23 15.23 -8.60
C GLY B 148 -6.33 14.35 -9.18
N VAL B 149 -6.05 13.06 -9.36
CA VAL B 149 -7.08 12.15 -9.83
C VAL B 149 -8.24 12.10 -8.83
N TRP B 150 -7.92 11.98 -7.54
CA TRP B 150 -8.97 11.92 -6.54
C TRP B 150 -9.78 13.22 -6.51
N GLU B 151 -9.10 14.36 -6.62
CA GLU B 151 -9.80 15.65 -6.62
C GLU B 151 -10.73 15.80 -7.81
N ILE B 152 -10.29 15.37 -9.00
CA ILE B 152 -11.17 15.38 -10.17
C ILE B 152 -12.45 14.63 -9.86
N ILE B 153 -12.31 13.44 -9.29
CA ILE B 153 -13.47 12.60 -8.98
C ILE B 153 -14.35 13.28 -7.94
N LYS B 154 -13.75 13.79 -6.87
CA LYS B 154 -14.53 14.39 -5.79
C LYS B 154 -15.20 15.69 -6.21
N ARG B 155 -14.52 16.53 -6.99
CA ARG B 155 -15.09 17.85 -7.25
C ARG B 155 -16.10 17.81 -8.39
N THR B 156 -15.95 16.86 -9.32
CA THR B 156 -17.00 16.56 -10.27
C THR B 156 -18.23 15.95 -9.58
N GLY B 157 -18.12 15.56 -8.31
CA GLY B 157 -19.24 14.99 -7.59
C GLY B 157 -19.55 13.55 -7.93
N ILE B 158 -18.59 12.79 -8.45
CA ILE B 158 -18.77 11.40 -8.82
C ILE B 158 -18.59 10.49 -7.60
N PRO B 159 -19.61 9.75 -7.21
CA PRO B 159 -19.50 8.92 -5.99
C PRO B 159 -18.47 7.81 -6.12
N THR B 160 -17.86 7.48 -4.99
CA THR B 160 -16.92 6.36 -4.94
C THR B 160 -17.34 5.26 -3.98
N LEU B 161 -17.99 5.61 -2.87
CA LEU B 161 -18.29 4.63 -1.84
C LEU B 161 -19.16 3.53 -2.41
N GLY B 162 -18.65 2.29 -2.38
CA GLY B 162 -19.40 1.16 -2.89
C GLY B 162 -19.32 0.98 -4.39
N LYS B 163 -18.62 1.85 -5.11
CA LYS B 163 -18.59 1.71 -6.54
C LYS B 163 -17.41 0.85 -6.97
N ASN B 164 -17.52 0.31 -8.18
CA ASN B 164 -16.47 -0.51 -8.75
C ASN B 164 -15.51 0.39 -9.52
N VAL B 165 -14.22 0.28 -9.21
CA VAL B 165 -13.18 1.10 -9.80
C VAL B 165 -12.09 0.20 -10.32
N VAL B 166 -11.70 0.39 -11.57
CA VAL B 166 -10.57 -0.31 -12.16
C VAL B 166 -9.46 0.70 -12.36
N VAL B 167 -8.25 0.35 -11.91
CA VAL B 167 -7.05 1.13 -12.19
C VAL B 167 -6.17 0.30 -13.11
N ALA B 168 -5.84 0.86 -14.26
CA ALA B 168 -4.95 0.21 -15.21
C ALA B 168 -3.56 0.79 -14.97
N GLY B 169 -2.73 0.02 -14.27
CA GLY B 169 -1.39 0.44 -13.91
C GLY B 169 -1.16 0.26 -12.42
N ARG B 170 0.09 -0.03 -12.05
CA ARG B 170 0.45 -0.31 -10.67
C ARG B 170 1.72 0.42 -10.26
N SER B 171 2.09 1.49 -10.97
CA SER B 171 3.38 2.13 -10.67
C SER B 171 3.34 2.75 -9.28
N LYS B 172 4.50 2.79 -8.63
CA LYS B 172 4.51 3.21 -7.23
C LYS B 172 4.22 4.69 -7.07
N ASN B 173 4.48 5.51 -8.09
CA ASN B 173 4.24 6.94 -8.01
C ASN B 173 2.82 7.33 -8.45
N VAL B 174 2.15 6.52 -9.28
CA VAL B 174 0.83 6.89 -9.78
C VAL B 174 -0.23 5.83 -9.51
N GLY B 175 -0.10 4.66 -10.15
CA GLY B 175 -1.18 3.69 -10.10
C GLY B 175 -1.45 3.14 -8.70
N MET B 176 -0.38 2.75 -7.99
CA MET B 176 -0.55 2.23 -6.62
C MET B 176 -1.15 3.25 -5.66
N PRO B 177 -0.64 4.49 -5.55
CA PRO B 177 -1.33 5.47 -4.69
C PRO B 177 -2.77 5.76 -5.10
N ILE B 178 -3.08 5.69 -6.40
CA ILE B 178 -4.47 5.90 -6.83
C ILE B 178 -5.37 4.81 -6.26
N ALA B 179 -4.97 3.54 -6.45
CA ALA B 179 -5.70 2.41 -5.88
C ALA B 179 -5.82 2.53 -4.37
N MET B 180 -4.73 2.93 -3.70
CA MET B 180 -4.76 3.12 -2.25
C MET B 180 -5.78 4.19 -1.85
N LEU B 181 -5.72 5.36 -2.49
CA LEU B 181 -6.66 6.42 -2.14
C LEU B 181 -8.11 5.97 -2.37
N LEU B 182 -8.36 5.27 -3.46
CA LEU B 182 -9.75 5.02 -3.82
C LEU B 182 -10.40 3.93 -2.97
N HIS B 183 -9.65 2.92 -2.52
CA HIS B 183 -10.30 1.82 -1.80
C HIS B 183 -10.37 2.03 -0.30
N THR B 184 -9.66 3.01 0.24
CA THR B 184 -9.54 3.05 1.69
C THR B 184 -10.69 3.80 2.34
N ASP B 185 -10.62 3.84 3.68
CA ASP B 185 -11.77 4.12 4.53
C ASP B 185 -11.98 5.62 4.66
N GLY B 186 -13.21 6.08 4.33
CA GLY B 186 -13.53 7.49 4.45
C GLY B 186 -13.34 8.03 5.86
N ALA B 187 -13.42 7.16 6.86
CA ALA B 187 -13.37 7.59 8.25
C ALA B 187 -11.94 7.71 8.82
N HIS B 188 -10.91 7.28 8.08
CA HIS B 188 -9.55 7.31 8.62
C HIS B 188 -8.94 8.71 8.56
N GLU B 189 -7.81 8.89 9.26
CA GLU B 189 -7.09 10.17 9.30
C GLU B 189 -7.02 10.85 7.95
N ARG B 190 -6.44 10.17 6.99
CA ARG B 190 -6.51 10.59 5.61
C ARG B 190 -7.63 9.77 4.98
N PRO B 191 -8.78 10.36 4.66
CA PRO B 191 -9.90 9.58 4.14
C PRO B 191 -9.58 8.99 2.78
N GLY B 192 -10.27 7.90 2.46
CA GLY B 192 -10.22 7.31 1.15
C GLY B 192 -11.62 7.27 0.51
N GLY B 193 -11.65 6.76 -0.72
CA GLY B 193 -12.86 6.68 -1.50
C GLY B 193 -13.84 5.56 -1.16
N ASP B 194 -13.46 4.56 -0.36
CA ASP B 194 -14.37 3.48 0.06
C ASP B 194 -14.93 2.70 -1.13
N ALA B 195 -14.22 2.69 -2.26
CA ALA B 195 -14.60 1.96 -3.46
C ALA B 195 -14.01 0.55 -3.50
N THR B 196 -14.56 -0.27 -4.39
CA THR B 196 -14.10 -1.61 -4.67
C THR B 196 -13.15 -1.53 -5.86
N VAL B 197 -11.85 -1.72 -5.60
CA VAL B 197 -10.82 -1.34 -6.55
C VAL B 197 -10.15 -2.59 -7.10
N THR B 198 -10.10 -2.68 -8.43
CA THR B 198 -9.31 -3.70 -9.11
C THR B 198 -8.05 -3.09 -9.69
N ILE B 199 -6.91 -3.68 -9.35
CA ILE B 199 -5.61 -3.27 -9.87
C ILE B 199 -5.26 -4.21 -11.01
N SER B 200 -5.18 -3.67 -12.22
CA SER B 200 -4.67 -4.39 -13.37
C SER B 200 -3.31 -3.80 -13.75
N HIS B 201 -2.56 -4.56 -14.54
CA HIS B 201 -1.19 -4.18 -14.87
C HIS B 201 -0.78 -4.90 -16.12
N ARG B 202 0.53 -4.90 -16.40
CA ARG B 202 1.04 -5.40 -17.67
C ARG B 202 0.83 -6.91 -17.86
N TYR B 203 0.53 -7.66 -16.81
CA TYR B 203 0.25 -9.09 -16.97
C TYR B 203 -1.23 -9.40 -16.88
N THR B 204 -2.07 -8.40 -16.79
CA THR B 204 -3.51 -8.63 -16.90
C THR B 204 -3.86 -8.82 -18.37
N PRO B 205 -4.37 -9.99 -18.76
CA PRO B 205 -4.71 -10.21 -20.18
C PRO B 205 -5.82 -9.27 -20.60
N LYS B 206 -5.76 -8.83 -21.87
CA LYS B 206 -6.69 -7.83 -22.37
C LYS B 206 -8.13 -8.26 -22.12
N GLU B 207 -8.42 -9.55 -22.34
CA GLU B 207 -9.79 -10.02 -22.11
C GLU B 207 -10.19 -9.88 -20.65
N GLN B 208 -9.25 -10.10 -19.73
CA GLN B 208 -9.58 -9.98 -18.31
C GLN B 208 -9.77 -8.53 -17.90
N LEU B 209 -9.04 -7.60 -18.53
CA LEU B 209 -9.26 -6.18 -18.28
C LEU B 209 -10.68 -5.79 -18.64
N LYS B 210 -11.17 -6.23 -19.81
CA LYS B 210 -12.51 -5.84 -20.23
C LYS B 210 -13.57 -6.42 -19.29
N LYS B 211 -13.38 -7.66 -18.86
CA LYS B 211 -14.33 -8.29 -17.94
C LYS B 211 -14.43 -7.54 -16.61
N HIS B 212 -13.42 -6.74 -16.28
CA HIS B 212 -13.45 -5.92 -15.07
C HIS B 212 -13.90 -4.49 -15.33
N THR B 213 -13.44 -3.87 -16.43
CA THR B 213 -13.87 -2.51 -16.75
C THR B 213 -15.36 -2.47 -17.02
N ILE B 214 -15.87 -3.49 -17.71
CA ILE B 214 -17.30 -3.56 -18.04
C ILE B 214 -18.16 -3.44 -16.80
N LEU B 215 -17.62 -3.76 -15.62
CA LEU B 215 -18.32 -3.60 -14.36
C LEU B 215 -18.04 -2.27 -13.67
N ALA B 216 -17.13 -1.47 -14.22
CA ALA B 216 -16.59 -0.33 -13.48
C ALA B 216 -17.46 0.90 -13.65
N ASP B 217 -17.83 1.52 -12.53
CA ASP B 217 -18.38 2.86 -12.51
C ASP B 217 -17.31 3.92 -12.71
N ILE B 218 -16.05 3.61 -12.43
CA ILE B 218 -14.94 4.54 -12.62
C ILE B 218 -13.75 3.74 -13.13
N VAL B 219 -13.36 3.96 -14.39
CA VAL B 219 -12.14 3.39 -14.93
C VAL B 219 -11.07 4.47 -14.93
N ILE B 220 -9.90 4.15 -14.38
CA ILE B 220 -8.77 5.06 -14.27
C ILE B 220 -7.60 4.41 -14.98
N SER B 221 -7.16 5.01 -16.08
CA SER B 221 -6.12 4.41 -16.90
C SER B 221 -4.83 5.17 -16.66
N ALA B 222 -3.80 4.44 -16.22
CA ALA B 222 -2.50 5.03 -15.91
C ALA B 222 -1.40 4.13 -16.41
N ALA B 223 -1.55 3.60 -17.62
CA ALA B 223 -0.61 2.62 -18.13
C ALA B 223 0.35 3.17 -19.18
N GLY B 224 0.01 4.28 -19.82
CA GLY B 224 0.86 4.79 -20.89
C GLY B 224 0.79 3.96 -22.16
N ILE B 225 -0.39 3.49 -22.53
CA ILE B 225 -0.60 2.70 -23.74
C ILE B 225 -1.72 3.36 -24.55
N PRO B 226 -1.44 3.86 -25.75
CA PRO B 226 -2.48 4.55 -26.53
C PRO B 226 -3.63 3.61 -26.90
N ASN B 227 -4.85 4.11 -26.74
CA ASN B 227 -6.08 3.37 -27.08
C ASN B 227 -6.22 2.09 -26.27
N LEU B 228 -5.59 2.03 -25.10
CA LEU B 228 -5.74 0.85 -24.24
C LEU B 228 -7.18 0.69 -23.76
N ILE B 229 -7.92 1.79 -23.67
CA ILE B 229 -9.29 1.77 -23.18
C ILE B 229 -10.19 2.14 -24.35
N THR B 230 -10.91 1.16 -24.89
CA THR B 230 -11.83 1.37 -26.00
C THR B 230 -13.27 1.26 -25.51
N ALA B 231 -14.20 1.68 -26.36
CA ALA B 231 -15.57 1.97 -25.93
C ALA B 231 -16.33 0.72 -25.46
N ASP B 232 -15.97 -0.46 -25.98
CA ASP B 232 -16.64 -1.69 -25.57
C ASP B 232 -16.29 -2.07 -24.13
N MET B 233 -15.12 -1.68 -23.65
CA MET B 233 -14.72 -2.02 -22.28
C MET B 233 -15.50 -1.21 -21.24
N ILE B 234 -16.14 -0.11 -21.66
CA ILE B 234 -16.71 0.86 -20.74
C ILE B 234 -18.18 0.59 -20.54
N LYS B 235 -18.63 0.59 -19.28
CA LYS B 235 -20.04 0.62 -18.96
C LYS B 235 -20.64 1.99 -19.27
N GLU B 236 -21.86 1.98 -19.83
CA GLU B 236 -22.48 3.23 -20.24
C GLU B 236 -22.84 4.07 -19.01
N GLY B 237 -22.44 5.34 -19.03
CA GLY B 237 -22.61 6.24 -17.90
C GLY B 237 -21.46 6.30 -16.91
N ALA B 238 -20.43 5.47 -17.09
CA ALA B 238 -19.31 5.40 -16.16
C ALA B 238 -18.37 6.58 -16.36
N ALA B 239 -17.49 6.77 -15.39
CA ALA B 239 -16.50 7.85 -15.41
C ALA B 239 -15.15 7.28 -15.81
N VAL B 240 -14.52 7.91 -16.79
CA VAL B 240 -13.24 7.43 -17.32
C VAL B 240 -12.22 8.56 -17.16
N ILE B 241 -11.15 8.27 -16.42
CA ILE B 241 -10.12 9.24 -16.09
C ILE B 241 -8.84 8.82 -16.78
N ASP B 242 -8.35 9.66 -17.67
CA ASP B 242 -7.18 9.34 -18.48
C ASP B 242 -5.97 9.98 -17.83
N VAL B 243 -5.20 9.16 -17.12
CA VAL B 243 -3.95 9.62 -16.52
C VAL B 243 -2.78 9.44 -17.48
N GLY B 244 -2.87 8.52 -18.43
CA GLY B 244 -1.77 8.32 -19.35
C GLY B 244 -1.48 9.55 -20.18
N ILE B 245 -0.20 9.73 -20.51
CA ILE B 245 0.24 10.81 -21.38
C ILE B 245 1.14 10.19 -22.45
N ASN B 246 0.66 10.19 -23.70
CA ASN B 246 1.35 9.54 -24.81
C ASN B 246 1.62 10.51 -25.96
N LEU B 258 0.22 14.31 -26.38
CA LEU B 258 -0.65 14.24 -27.55
C LEU B 258 -1.95 13.46 -27.28
N VAL B 259 -1.82 12.21 -26.84
CA VAL B 259 -2.98 11.37 -26.55
C VAL B 259 -2.79 10.64 -25.23
N GLY B 260 -3.91 10.33 -24.58
CA GLY B 260 -3.91 9.54 -23.36
C GLY B 260 -4.04 8.05 -23.66
N ASP B 261 -4.35 7.29 -22.59
CA ASP B 261 -4.61 5.87 -22.74
C ASP B 261 -5.99 5.58 -23.36
N VAL B 262 -6.90 6.53 -23.28
CA VAL B 262 -8.29 6.31 -23.67
C VAL B 262 -8.47 6.69 -25.14
N ASP B 263 -9.23 5.87 -25.87
CA ASP B 263 -9.74 6.28 -27.18
C ASP B 263 -10.79 7.35 -26.93
N PHE B 264 -10.34 8.61 -26.99
CA PHE B 264 -11.18 9.71 -26.50
C PHE B 264 -12.45 9.83 -27.32
N GLU B 265 -12.33 9.81 -28.64
CA GLU B 265 -13.48 10.09 -29.49
C GLU B 265 -14.58 9.04 -29.31
N GLY B 266 -14.20 7.76 -29.27
CA GLY B 266 -15.20 6.71 -29.15
C GLY B 266 -15.81 6.63 -27.75
N VAL B 267 -14.96 6.61 -26.72
CA VAL B 267 -15.45 6.51 -25.34
C VAL B 267 -16.28 7.72 -24.99
N ARG B 268 -16.04 8.87 -25.65
CA ARG B 268 -16.85 10.06 -25.40
C ARG B 268 -18.33 9.79 -25.59
N GLN B 269 -18.69 8.87 -26.50
CA GLN B 269 -20.09 8.58 -26.78
C GLN B 269 -20.70 7.54 -25.85
N LYS B 270 -19.90 6.84 -25.05
CA LYS B 270 -20.39 5.81 -24.13
C LYS B 270 -20.37 6.23 -22.67
N ALA B 271 -19.35 6.98 -22.26
CA ALA B 271 -19.18 7.36 -20.86
C ALA B 271 -20.08 8.53 -20.47
N GLY B 272 -20.45 8.56 -19.19
CA GLY B 272 -21.13 9.72 -18.65
C GLY B 272 -20.19 10.84 -18.26
N TYR B 273 -18.92 10.53 -18.00
CA TYR B 273 -17.89 11.53 -17.73
C TYR B 273 -16.58 11.02 -18.31
N ILE B 274 -15.78 11.95 -18.82
CA ILE B 274 -14.49 11.58 -19.40
C ILE B 274 -13.53 12.75 -19.24
N THR B 275 -12.24 12.44 -19.23
CA THR B 275 -11.19 13.40 -18.96
C THR B 275 -10.29 13.51 -20.18
N PRO B 276 -10.03 14.72 -20.68
CA PRO B 276 -9.26 14.87 -21.91
C PRO B 276 -7.75 14.86 -21.66
N VAL B 277 -7.01 14.65 -22.74
CA VAL B 277 -5.55 14.75 -22.72
C VAL B 277 -5.11 15.52 -23.95
N PRO B 278 -4.49 16.71 -23.81
CA PRO B 278 -4.14 17.35 -22.54
C PRO B 278 -5.28 18.05 -21.81
N GLY B 279 -4.90 18.87 -20.83
CA GLY B 279 -5.85 19.66 -20.08
C GLY B 279 -6.74 18.88 -19.16
N GLY B 280 -6.37 17.63 -18.86
CA GLY B 280 -7.16 16.85 -17.92
C GLY B 280 -6.47 16.69 -16.58
N VAL B 281 -5.83 15.53 -16.37
CA VAL B 281 -5.16 15.25 -15.11
C VAL B 281 -3.90 16.10 -14.98
N GLY B 282 -3.24 16.40 -16.10
CA GLY B 282 -2.01 17.17 -16.11
C GLY B 282 -2.05 18.43 -15.27
N PRO B 283 -2.95 19.36 -15.58
CA PRO B 283 -3.06 20.58 -14.76
C PRO B 283 -3.46 20.32 -13.31
N MET B 284 -4.14 19.21 -13.03
CA MET B 284 -4.49 18.90 -11.64
C MET B 284 -3.25 18.47 -10.84
N THR B 285 -2.30 17.79 -11.49
CA THR B 285 -1.04 17.44 -10.81
C THR B 285 -0.31 18.68 -10.35
N VAL B 286 -0.20 19.67 -11.23
CA VAL B 286 0.45 20.92 -10.88
C VAL B 286 -0.29 21.62 -9.76
N ALA B 287 -1.63 21.62 -9.80
CA ALA B 287 -2.43 22.26 -8.77
C ALA B 287 -2.22 21.60 -7.41
N MET B 288 -2.19 20.26 -7.37
CA MET B 288 -2.05 19.58 -6.08
C MET B 288 -0.66 19.79 -5.47
N LEU B 289 0.36 19.95 -6.31
CA LEU B 289 1.67 20.33 -5.80
C LEU B 289 1.60 21.67 -5.04
N MET B 290 0.82 22.64 -5.54
CA MET B 290 0.69 23.90 -4.81
C MET B 290 0.08 23.69 -3.43
N LYS B 291 -0.94 22.82 -3.34
CA LYS B 291 -1.50 22.47 -2.04
C LYS B 291 -0.44 21.89 -1.11
N ASN B 292 0.34 20.92 -1.62
CA ASN B 292 1.39 20.32 -0.79
C ASN B 292 2.43 21.34 -0.36
N THR B 293 2.73 22.32 -1.21
CA THR B 293 3.77 23.29 -0.85
C THR B 293 3.33 24.17 0.32
N ILE B 294 2.08 24.65 0.30
CA ILE B 294 1.62 25.47 1.42
C ILE B 294 1.50 24.62 2.69
N ILE B 295 1.06 23.36 2.55
CA ILE B 295 1.09 22.40 3.67
C ILE B 295 2.50 22.29 4.22
N ALA B 296 3.51 22.11 3.35
CA ALA B 296 4.89 22.00 3.82
C ALA B 296 5.33 23.27 4.55
N ALA B 297 5.00 24.43 4.00
CA ALA B 297 5.43 25.67 4.63
C ALA B 297 4.81 25.82 6.01
N LYS B 298 3.57 25.37 6.18
CA LYS B 298 2.89 25.49 7.46
C LYS B 298 3.43 24.51 8.50
N LYS B 299 4.24 23.53 8.10
CA LYS B 299 4.81 22.55 9.01
C LYS B 299 3.72 21.94 9.89
N VAL B 300 2.61 21.57 9.25
CA VAL B 300 1.52 20.96 9.99
C VAL B 300 1.80 19.48 10.30
N LEU B 301 2.62 18.82 9.48
CA LEU B 301 2.88 17.40 9.64
C LEU B 301 4.17 17.13 10.43
#